data_7FMN
#
_entry.id   7FMN
#
_cell.length_a   88.175
_cell.length_b   81.588
_cell.length_c   92.99
_cell.angle_alpha   90
_cell.angle_beta   108.11
_cell.angle_gamma   90
#
_symmetry.space_group_name_H-M   'C 1 2 1'
#
loop_
_entity.id
_entity.type
_entity.pdbx_description
1 polymer 'Pre-mRNA-splicing factor 8'
2 polymer 'A1 cistron-splicing factor AAR2'
3 non-polymer 2-cyano-N-[3-(trifluoromethyl)phenyl]acetamide
4 water water
#
loop_
_entity_poly.entity_id
_entity_poly.type
_entity_poly.pdbx_seq_one_letter_code
_entity_poly.pdbx_strand_id
1 'polypeptide(L)'
;GAMNSSNYAELFNNDIKLFVDDTNVYRVTVHKTFEGNVATKAINGCIFTLNPKTGHLFLKIIHTSVWAGQKRLSQLAKWK
TAEEVSALVRSLPKEEQPKQIIVTRKAMLDPLEVHMLDFPNIAIRPTELRLPFSAAMSIDKLSDVVMKATEPQMVLFNIY
DDWLDRISSYTAFSRLTLLLRALKTNEESAKMILLSDPTITIKSYHLWPSFTDEQWITIESQMRDLILTEYGRKYNVNIS
ALTQTEIKDIILGQNIKA
;
A
2 'polypeptide(L)'
;GAMAMNTVPFTSAPIEVTIGIDQYSFNVKENQPFHGIKDIPIGHVHVIHFQHADNSSMRYGYWFDCRMGNFYIQYDPKDG
LYKMMEERDGAKFENIVHNFKERQMMVSYPKIDEDDTWYNLTEFVQMDKIRKIVRKDENQFSYVDSSMTTVQENELSSSS
SDPAHSLNYTVINFKSREAIRPGHEMEDFLDKSYYLNTVMLQGIFKNSSNYFGELQFAFLNAMFFGNYGSSLQWHAMIEL
ICSSATVPKHMLDKLDEILYYQIKTLPEQYSDILLNERVWNICLYSSFQKNSLHNTEKIMENKYPELL
;
B
#
loop_
_chem_comp.id
_chem_comp.type
_chem_comp.name
_chem_comp.formula
VVF non-polymer 2-cyano-N-[3-(trifluoromethyl)phenyl]acetamide 'C10 H7 F3 N2 O'
#
# COMPACT_ATOMS: atom_id res chain seq x y z
N GLY A 1 0.61 7.00 -15.21
CA GLY A 1 0.61 5.58 -14.87
C GLY A 1 1.58 4.75 -15.71
N ALA A 2 1.10 3.66 -16.30
CA ALA A 2 1.99 2.72 -16.97
C ALA A 2 2.31 3.18 -18.38
N MET A 3 3.50 2.78 -18.84
CA MET A 3 4.00 3.13 -20.16
C MET A 3 3.62 2.03 -21.14
N ASN A 4 3.06 2.40 -22.30
CA ASN A 4 2.57 1.41 -23.25
C ASN A 4 2.64 1.98 -24.67
N SER A 5 2.10 1.21 -25.63
CA SER A 5 2.12 1.62 -27.03
C SER A 5 1.44 2.95 -27.26
N SER A 6 0.45 3.29 -26.43
CA SER A 6 -0.32 4.52 -26.62
C SER A 6 0.53 5.75 -26.33
N ASN A 7 1.35 5.71 -25.29
CA ASN A 7 2.17 6.86 -24.91
C ASN A 7 3.65 6.59 -25.17
N TYR A 8 3.96 6.12 -26.37
CA TYR A 8 5.32 5.68 -26.70
C TYR A 8 6.25 6.84 -27.04
N ALA A 9 5.73 7.89 -27.67
CA ALA A 9 6.56 9.04 -28.01
C ALA A 9 7.01 9.83 -26.78
N GLU A 10 6.36 9.63 -25.64
CA GLU A 10 6.80 10.33 -24.43
C GLU A 10 8.26 10.01 -24.10
N LEU A 11 8.71 8.81 -24.46
CA LEU A 11 10.11 8.43 -24.25
C LEU A 11 11.08 9.41 -24.87
N PHE A 12 10.66 10.16 -25.90
CA PHE A 12 11.61 10.96 -26.65
C PHE A 12 11.34 12.46 -26.53
N ASN A 13 10.53 12.85 -25.55
CA ASN A 13 10.34 14.27 -25.29
C ASN A 13 11.52 14.74 -24.44
N ASN A 14 11.45 15.98 -23.97
CA ASN A 14 12.58 16.61 -23.32
C ASN A 14 12.50 16.58 -21.80
N ASP A 15 11.62 15.76 -21.23
CA ASP A 15 11.61 15.45 -19.82
C ASP A 15 12.60 14.31 -19.59
N ILE A 16 13.62 14.55 -18.77
CA ILE A 16 14.62 13.51 -18.52
C ILE A 16 13.93 12.31 -17.92
N LYS A 17 14.17 11.14 -18.47
CA LYS A 17 13.69 9.89 -17.93
C LYS A 17 14.70 8.76 -18.10
N LEU A 18 14.59 7.77 -17.21
CA LEU A 18 15.43 6.61 -17.28
C LEU A 18 14.59 5.35 -17.21
N PHE A 19 14.94 4.39 -18.06
CA PHE A 19 14.55 3.01 -17.89
C PHE A 19 15.50 2.33 -16.92
N VAL A 20 14.97 1.52 -16.03
CA VAL A 20 15.77 0.65 -15.17
C VAL A 20 15.34 -0.79 -15.42
N ASP A 21 16.29 -1.62 -15.84
CA ASP A 21 16.08 -3.06 -15.96
C ASP A 21 16.96 -3.77 -14.94
N ASP A 22 16.35 -4.65 -14.15
CA ASP A 22 17.05 -5.41 -13.11
C ASP A 22 17.27 -6.88 -13.46
N THR A 23 17.00 -7.28 -14.70
N THR A 23 17.05 -7.29 -14.72
CA THR A 23 17.01 -8.69 -15.01
CA THR A 23 17.01 -8.71 -15.07
C THR A 23 18.38 -9.29 -14.71
C THR A 23 18.40 -9.36 -15.07
N ASN A 24 19.45 -8.57 -15.09
CA ASN A 24 20.80 -9.10 -15.04
C ASN A 24 21.54 -8.74 -13.75
N VAL A 25 20.82 -8.38 -12.69
CA VAL A 25 21.44 -7.96 -11.45
C VAL A 25 21.96 -9.18 -10.72
N TYR A 26 21.08 -10.16 -10.47
CA TYR A 26 21.41 -11.39 -9.75
C TYR A 26 21.43 -12.51 -10.79
N ARG A 27 22.63 -12.99 -11.09
CA ARG A 27 22.86 -14.02 -12.10
C ARG A 27 23.55 -15.19 -11.44
N VAL A 28 23.09 -16.40 -11.79
CA VAL A 28 23.66 -17.62 -11.23
C VAL A 28 23.88 -18.65 -12.32
N THR A 29 24.83 -19.53 -12.08
CA THR A 29 24.90 -20.82 -12.74
C THR A 29 24.38 -21.85 -11.75
N VAL A 30 23.59 -22.79 -12.22
CA VAL A 30 23.08 -23.87 -11.38
C VAL A 30 23.90 -25.12 -11.66
N HIS A 31 24.34 -25.81 -10.62
CA HIS A 31 25.22 -26.96 -10.81
C HIS A 31 24.95 -28.01 -9.74
N LYS A 32 25.49 -29.21 -9.97
CA LYS A 32 25.39 -30.30 -9.01
C LYS A 32 26.54 -30.24 -8.01
N THR A 33 26.22 -30.56 -6.76
CA THR A 33 27.25 -30.74 -5.74
C THR A 33 27.76 -32.18 -5.71
N PHE A 34 28.89 -32.38 -5.02
CA PHE A 34 29.48 -33.71 -4.93
C PHE A 34 28.46 -34.69 -4.41
N GLU A 35 27.65 -34.27 -3.45
CA GLU A 35 26.62 -35.11 -2.86
C GLU A 35 25.43 -35.29 -3.79
N GLY A 36 25.47 -34.68 -4.97
CA GLY A 36 24.36 -34.78 -5.90
C GLY A 36 23.18 -33.88 -5.58
N ASN A 37 23.38 -32.86 -4.75
CA ASN A 37 22.38 -31.82 -4.57
C ASN A 37 22.63 -30.75 -5.61
N VAL A 38 21.81 -29.72 -5.61
CA VAL A 38 21.97 -28.62 -6.53
C VAL A 38 22.35 -27.39 -5.73
N ALA A 39 23.20 -26.58 -6.30
CA ALA A 39 23.58 -25.31 -5.71
C ALA A 39 23.73 -24.30 -6.81
N THR A 40 23.70 -23.04 -6.42
CA THR A 40 23.95 -21.92 -7.33
C THR A 40 25.32 -21.34 -7.06
N LYS A 41 25.93 -20.84 -8.11
CA LYS A 41 27.10 -19.98 -7.99
C LYS A 41 26.75 -18.66 -8.67
N ALA A 42 26.77 -17.57 -7.90
CA ALA A 42 26.57 -16.25 -8.48
C ALA A 42 27.71 -15.89 -9.41
N ILE A 43 27.36 -15.14 -10.45
CA ILE A 43 28.34 -14.48 -11.31
C ILE A 43 28.00 -13.00 -11.34
N ASN A 44 28.94 -12.20 -11.83
CA ASN A 44 28.77 -10.76 -11.78
C ASN A 44 27.53 -10.36 -12.58
N GLY A 45 26.85 -9.34 -12.09
CA GLY A 45 25.69 -8.82 -12.81
C GLY A 45 25.77 -7.34 -13.06
N CYS A 46 24.63 -6.74 -13.45
CA CYS A 46 24.63 -5.33 -13.78
C CYS A 46 23.19 -4.84 -13.73
N ILE A 47 23.05 -3.59 -13.33
CA ILE A 47 21.83 -2.80 -13.50
C ILE A 47 21.94 -2.07 -14.82
N PHE A 48 20.87 -2.13 -15.62
CA PHE A 48 20.80 -1.49 -16.92
C PHE A 48 19.88 -0.28 -16.78
N THR A 49 20.48 0.90 -16.70
CA THR A 49 19.79 2.17 -16.50
C THR A 49 20.07 3.04 -17.70
N LEU A 50 19.01 3.31 -18.47
CA LEU A 50 19.17 3.85 -19.81
C LEU A 50 18.32 5.10 -20.00
N ASN A 51 18.95 6.17 -20.50
CA ASN A 51 18.22 7.34 -20.98
C ASN A 51 17.84 7.06 -22.42
N PRO A 52 16.54 6.90 -22.73
CA PRO A 52 16.17 6.53 -24.10
C PRO A 52 16.29 7.69 -25.07
N LYS A 53 16.33 8.92 -24.58
CA LYS A 53 16.46 10.08 -25.47
C LYS A 53 17.91 10.24 -25.93
N THR A 54 18.85 10.08 -25.02
CA THR A 54 20.23 10.38 -25.30
C THR A 54 21.07 9.16 -25.57
N GLY A 55 20.60 7.97 -25.23
CA GLY A 55 21.44 6.78 -25.34
C GLY A 55 22.36 6.56 -24.17
N HIS A 56 22.44 7.50 -23.23
CA HIS A 56 23.35 7.33 -22.10
C HIS A 56 22.93 6.13 -21.25
N LEU A 57 23.88 5.23 -21.02
CA LEU A 57 23.68 3.99 -20.28
C LEU A 57 24.57 4.06 -19.06
N PHE A 58 23.96 3.89 -17.89
CA PHE A 58 24.63 3.91 -16.60
C PHE A 58 24.67 2.44 -16.18
N LEU A 59 25.78 1.77 -16.44
CA LEU A 59 25.87 0.33 -16.25
C LEU A 59 26.53 0.13 -14.91
N LYS A 60 25.73 -0.14 -13.89
CA LYS A 60 26.25 -0.37 -12.55
C LYS A 60 26.56 -1.85 -12.45
N ILE A 61 27.84 -2.18 -12.36
CA ILE A 61 28.23 -3.58 -12.27
C ILE A 61 28.04 -4.06 -10.84
N ILE A 62 27.45 -5.24 -10.72
CA ILE A 62 27.10 -5.85 -9.44
C ILE A 62 28.06 -7.02 -9.27
N HIS A 63 29.02 -6.80 -8.38
CA HIS A 63 30.02 -7.82 -8.11
C HIS A 63 29.45 -8.84 -7.14
N THR A 64 29.84 -10.11 -7.34
CA THR A 64 29.27 -11.23 -6.60
C THR A 64 29.46 -11.12 -5.10
N SER A 65 30.45 -10.33 -4.67
CA SER A 65 30.72 -10.14 -3.25
C SER A 65 29.53 -9.51 -2.56
N VAL A 66 28.69 -8.77 -3.29
N VAL A 66 28.70 -8.77 -3.31
CA VAL A 66 27.56 -8.13 -2.63
CA VAL A 66 27.50 -8.15 -2.76
C VAL A 66 26.55 -9.15 -2.13
C VAL A 66 26.62 -9.18 -2.08
N TRP A 67 26.58 -10.39 -2.62
CA TRP A 67 25.66 -11.41 -2.15
C TRP A 67 26.22 -12.23 -1.00
N ALA A 68 27.49 -12.08 -0.70
CA ALA A 68 28.12 -12.91 0.33
C ALA A 68 27.36 -12.83 1.65
N GLY A 69 26.90 -13.97 2.13
CA GLY A 69 26.31 -14.01 3.44
C GLY A 69 24.89 -13.53 3.50
N GLN A 70 24.29 -13.27 2.34
CA GLN A 70 22.93 -12.80 2.29
C GLN A 70 21.97 -13.92 1.95
N LYS A 71 20.74 -13.77 2.45
CA LYS A 71 19.61 -14.66 2.17
C LYS A 71 18.64 -13.98 1.21
N ARG A 72 17.80 -14.82 0.60
CA ARG A 72 16.70 -14.39 -0.27
C ARG A 72 17.21 -13.44 -1.35
N LEU A 73 18.20 -13.92 -2.13
CA LEU A 73 18.95 -13.01 -2.98
C LEU A 73 18.07 -12.41 -4.07
N SER A 74 17.15 -13.17 -4.64
CA SER A 74 16.29 -12.59 -5.66
C SER A 74 15.49 -11.41 -5.11
N GLN A 75 15.11 -11.45 -3.83
CA GLN A 75 14.43 -10.29 -3.24
C GLN A 75 15.40 -9.16 -2.97
N LEU A 76 16.58 -9.51 -2.43
CA LEU A 76 17.58 -8.49 -2.16
C LEU A 76 18.00 -7.78 -3.44
N ALA A 77 18.09 -8.53 -4.54
CA ALA A 77 18.52 -7.97 -5.81
C ALA A 77 17.64 -6.80 -6.22
N LYS A 78 16.33 -6.90 -5.95
CA LYS A 78 15.46 -5.77 -6.27
C LYS A 78 15.80 -4.55 -5.43
N TRP A 79 16.00 -4.75 -4.12
CA TRP A 79 16.33 -3.64 -3.24
C TRP A 79 17.71 -3.06 -3.50
N LYS A 80 18.70 -3.92 -3.77
CA LYS A 80 20.03 -3.45 -4.21
C LYS A 80 19.94 -2.57 -5.46
N THR A 81 19.18 -3.04 -6.46
CA THR A 81 18.91 -2.23 -7.64
C THR A 81 18.38 -0.86 -7.24
N ALA A 82 17.30 -0.85 -6.44
CA ALA A 82 16.72 0.42 -6.05
C ALA A 82 17.72 1.27 -5.29
N GLU A 83 18.55 0.66 -4.43
CA GLU A 83 19.56 1.44 -3.71
C GLU A 83 20.55 2.08 -4.71
N GLU A 84 21.02 1.31 -5.67
CA GLU A 84 21.99 1.83 -6.62
C GLU A 84 21.39 2.89 -7.54
N VAL A 85 20.12 2.75 -7.93
CA VAL A 85 19.48 3.75 -8.77
C VAL A 85 19.30 5.04 -7.98
N SER A 86 18.86 4.96 -6.72
N SER A 86 18.84 4.93 -6.72
CA SER A 86 18.70 6.16 -5.92
CA SER A 86 18.71 6.11 -5.87
C SER A 86 20.06 6.83 -5.65
C SER A 86 20.04 6.81 -5.66
N ALA A 87 21.11 6.04 -5.42
CA ALA A 87 22.45 6.63 -5.29
C ALA A 87 22.91 7.32 -6.58
N LEU A 88 22.60 6.71 -7.73
CA LEU A 88 22.87 7.37 -9.02
C LEU A 88 22.14 8.70 -9.14
N VAL A 89 20.83 8.73 -8.82
CA VAL A 89 20.10 9.98 -8.95
C VAL A 89 20.74 11.04 -8.06
N ARG A 90 21.04 10.65 -6.81
CA ARG A 90 21.62 11.60 -5.85
C ARG A 90 22.96 12.12 -6.33
N SER A 91 23.67 11.32 -7.12
CA SER A 91 24.98 11.73 -7.60
C SER A 91 24.89 12.71 -8.75
N LEU A 92 23.73 12.79 -9.43
CA LEU A 92 23.60 13.65 -10.59
C LEU A 92 23.25 15.06 -10.15
N PRO A 93 23.75 16.07 -10.86
CA PRO A 93 23.28 17.44 -10.61
C PRO A 93 21.75 17.48 -10.77
N LYS A 94 21.13 18.37 -10.00
CA LYS A 94 19.67 18.48 -9.99
C LYS A 94 19.10 18.55 -11.40
N GLU A 95 19.72 19.34 -12.27
CA GLU A 95 19.16 19.52 -13.60
C GLU A 95 19.40 18.31 -14.51
N GLU A 96 20.18 17.32 -14.07
CA GLU A 96 20.31 16.03 -14.76
C GLU A 96 19.46 14.93 -14.14
N GLN A 97 18.89 15.14 -12.95
CA GLN A 97 18.07 14.10 -12.38
C GLN A 97 16.81 13.84 -13.22
N PRO A 98 16.37 12.58 -13.29
CA PRO A 98 15.21 12.26 -14.12
C PRO A 98 13.96 12.78 -13.46
N LYS A 99 12.97 13.09 -14.28
N LYS A 99 12.98 13.10 -14.29
CA LYS A 99 11.64 13.40 -13.77
CA LYS A 99 11.63 13.40 -13.81
C LYS A 99 10.75 12.17 -13.64
C LYS A 99 10.79 12.15 -13.60
N GLN A 100 11.08 11.10 -14.36
CA GLN A 100 10.43 9.81 -14.27
C GLN A 100 11.49 8.71 -14.32
N ILE A 101 11.24 7.63 -13.62
CA ILE A 101 12.00 6.38 -13.78
C ILE A 101 10.99 5.31 -14.14
N ILE A 102 11.22 4.63 -15.26
CA ILE A 102 10.36 3.55 -15.73
C ILE A 102 11.06 2.20 -15.50
N VAL A 103 10.43 1.34 -14.68
CA VAL A 103 11.01 0.03 -14.37
C VAL A 103 10.43 -1.00 -15.33
N THR A 104 11.28 -1.88 -15.84
CA THR A 104 10.79 -2.83 -16.81
C THR A 104 10.04 -4.00 -16.20
N ARG A 105 10.16 -4.22 -14.88
CA ARG A 105 9.44 -5.28 -14.16
C ARG A 105 8.71 -4.68 -12.97
N LYS A 106 7.43 -5.04 -12.80
CA LYS A 106 6.61 -4.40 -11.75
C LYS A 106 7.14 -4.65 -10.35
N ALA A 107 7.86 -5.74 -10.14
CA ALA A 107 8.40 -6.02 -8.81
C ALA A 107 9.44 -5.01 -8.36
N MET A 108 9.94 -4.14 -9.26
CA MET A 108 10.81 -3.04 -8.85
C MET A 108 10.07 -1.80 -8.37
N LEU A 109 8.76 -1.71 -8.52
CA LEU A 109 8.06 -0.48 -8.16
C LEU A 109 8.21 -0.16 -6.68
N ASP A 110 7.85 -1.10 -5.79
CA ASP A 110 7.91 -0.77 -4.37
C ASP A 110 9.34 -0.57 -3.90
N PRO A 111 10.31 -1.41 -4.25
CA PRO A 111 11.68 -1.11 -3.80
C PRO A 111 12.14 0.27 -4.25
N LEU A 112 11.89 0.64 -5.51
CA LEU A 112 12.35 1.94 -5.98
C LEU A 112 11.58 3.07 -5.31
N GLU A 113 10.25 2.96 -5.22
CA GLU A 113 9.49 4.01 -4.56
C GLU A 113 10.02 4.27 -3.14
N VAL A 114 10.26 3.21 -2.36
CA VAL A 114 10.75 3.38 -1.00
C VAL A 114 12.13 4.03 -0.99
N HIS A 115 13.04 3.57 -1.85
CA HIS A 115 14.36 4.20 -1.89
C HIS A 115 14.33 5.65 -2.38
N MET A 116 13.32 6.03 -3.15
CA MET A 116 13.22 7.38 -3.69
C MET A 116 12.24 8.25 -2.91
N LEU A 117 11.92 7.92 -1.65
CA LEU A 117 10.97 8.75 -0.89
C LEU A 117 11.45 10.19 -0.76
N ASP A 118 12.76 10.38 -0.72
CA ASP A 118 13.38 11.70 -0.71
C ASP A 118 13.13 12.50 -1.97
N PHE A 119 12.67 11.85 -3.05
CA PHE A 119 12.43 12.48 -4.34
C PHE A 119 10.97 12.32 -4.72
N PRO A 120 10.05 12.97 -3.97
CA PRO A 120 8.63 12.76 -4.23
C PRO A 120 8.19 13.21 -5.60
N ASN A 121 8.93 14.11 -6.22
CA ASN A 121 8.58 14.61 -7.53
C ASN A 121 9.11 13.77 -8.69
N ILE A 122 9.87 12.71 -8.42
CA ILE A 122 10.26 11.77 -9.47
C ILE A 122 9.23 10.65 -9.54
N ALA A 123 8.57 10.54 -10.70
CA ALA A 123 7.54 9.53 -10.91
C ALA A 123 8.16 8.17 -11.19
N ILE A 124 7.75 7.17 -10.42
CA ILE A 124 8.19 5.80 -10.62
C ILE A 124 7.08 5.06 -11.36
N ARG A 125 7.36 4.60 -12.58
CA ARG A 125 6.35 4.09 -13.46
C ARG A 125 6.66 2.67 -13.91
N PRO A 126 5.64 1.83 -14.02
CA PRO A 126 5.81 0.59 -14.77
C PRO A 126 5.59 0.81 -16.26
N THR A 127 5.76 -0.28 -17.00
CA THR A 127 5.49 -0.27 -18.42
C THR A 127 4.83 -1.58 -18.82
N GLU A 128 3.94 -1.48 -19.81
N GLU A 128 3.95 -1.50 -19.82
CA GLU A 128 3.34 -2.63 -20.48
CA GLU A 128 3.39 -2.69 -20.43
C GLU A 128 4.17 -3.14 -21.65
C GLU A 128 4.21 -3.17 -21.64
N LEU A 129 5.20 -2.40 -22.06
CA LEU A 129 6.08 -2.86 -23.12
C LEU A 129 6.91 -4.05 -22.64
N ARG A 130 7.18 -4.97 -23.56
CA ARG A 130 8.01 -6.14 -23.29
C ARG A 130 9.41 -5.85 -23.83
N LEU A 131 10.18 -5.07 -23.06
CA LEU A 131 11.43 -4.57 -23.60
C LEU A 131 12.55 -5.61 -23.47
N PRO A 132 13.42 -5.68 -24.45
CA PRO A 132 14.39 -6.78 -24.47
C PRO A 132 15.68 -6.44 -23.77
N PHE A 133 15.65 -5.66 -22.70
CA PHE A 133 16.90 -5.21 -22.10
C PHE A 133 17.68 -6.35 -21.42
N SER A 134 17.05 -7.47 -21.12
CA SER A 134 17.78 -8.62 -20.59
C SER A 134 18.91 -9.03 -21.52
N ALA A 135 18.75 -8.78 -22.82
CA ALA A 135 19.78 -9.16 -23.77
C ALA A 135 20.98 -8.24 -23.78
N ALA A 136 21.06 -7.25 -22.88
CA ALA A 136 22.22 -6.37 -22.84
C ALA A 136 23.52 -7.16 -22.67
N MET A 137 23.46 -8.27 -21.94
CA MET A 137 24.68 -9.03 -21.75
C MET A 137 25.04 -9.83 -22.99
N SER A 138 24.29 -9.70 -24.08
CA SER A 138 24.73 -10.19 -25.38
C SER A 138 25.53 -9.18 -26.16
N ILE A 139 25.69 -7.96 -25.66
CA ILE A 139 26.57 -6.99 -26.30
C ILE A 139 27.96 -7.24 -25.74
N ASP A 140 28.88 -7.66 -26.61
CA ASP A 140 30.15 -8.22 -26.14
C ASP A 140 30.88 -7.28 -25.18
N LYS A 141 30.97 -5.99 -25.52
CA LYS A 141 31.75 -5.11 -24.66
C LYS A 141 31.08 -4.89 -23.30
N LEU A 142 29.76 -4.97 -23.24
CA LEU A 142 29.12 -4.85 -21.93
C LEU A 142 29.32 -6.12 -21.12
N SER A 143 29.09 -7.27 -21.74
CA SER A 143 29.39 -8.51 -21.06
C SER A 143 30.83 -8.54 -20.56
N ASP A 144 31.77 -8.01 -21.36
CA ASP A 144 33.18 -8.15 -20.99
C ASP A 144 33.49 -7.37 -19.72
N VAL A 145 32.97 -6.16 -19.61
CA VAL A 145 33.31 -5.32 -18.49
C VAL A 145 32.62 -5.83 -17.23
N VAL A 146 31.44 -6.43 -17.39
CA VAL A 146 30.77 -7.03 -16.23
C VAL A 146 31.58 -8.21 -15.73
N MET A 147 31.99 -9.11 -16.64
N MET A 147 32.00 -9.11 -16.62
N MET A 147 32.01 -9.10 -16.63
CA MET A 147 32.66 -10.34 -16.26
CA MET A 147 32.66 -10.34 -16.18
CA MET A 147 32.68 -10.32 -16.18
C MET A 147 34.06 -10.07 -15.68
C MET A 147 34.07 -10.07 -15.66
C MET A 147 34.07 -10.05 -15.64
N LYS A 148 34.73 -9.01 -16.13
CA LYS A 148 36.07 -8.69 -15.65
C LYS A 148 36.09 -7.94 -14.33
N ALA A 149 34.95 -7.38 -13.89
CA ALA A 149 34.95 -6.55 -12.71
C ALA A 149 35.38 -7.38 -11.51
N THR A 150 36.27 -6.80 -10.72
CA THR A 150 36.73 -7.40 -9.47
C THR A 150 36.15 -6.69 -8.27
N GLU A 151 35.39 -5.62 -8.49
CA GLU A 151 34.80 -4.82 -7.43
C GLU A 151 33.60 -4.12 -8.01
N PRO A 152 32.76 -3.54 -7.17
CA PRO A 152 31.66 -2.71 -7.69
C PRO A 152 32.17 -1.53 -8.52
N GLN A 153 31.45 -1.22 -9.60
CA GLN A 153 31.95 -0.29 -10.58
C GLN A 153 30.76 0.19 -11.39
N MET A 154 30.73 1.48 -11.69
CA MET A 154 29.81 2.08 -12.67
C MET A 154 30.59 2.41 -13.93
N VAL A 155 30.07 1.98 -15.08
CA VAL A 155 30.67 2.28 -16.38
C VAL A 155 29.63 2.96 -17.25
N LEU A 156 30.02 4.06 -17.90
CA LEU A 156 29.12 4.87 -18.71
C LEU A 156 29.33 4.55 -20.17
N PHE A 157 28.22 4.31 -20.87
CA PHE A 157 28.27 4.04 -22.29
C PHE A 157 27.23 4.92 -22.96
N ASN A 158 27.37 5.06 -24.27
CA ASN A 158 26.23 5.49 -25.12
C ASN A 158 25.81 4.29 -25.96
N ILE A 159 24.61 3.76 -25.69
CA ILE A 159 24.20 2.51 -26.34
C ILE A 159 23.83 2.73 -27.79
N TYR A 160 23.69 3.98 -28.23
CA TYR A 160 23.42 4.31 -29.60
C TYR A 160 24.67 4.61 -30.42
N ASP A 161 25.87 4.46 -29.85
CA ASP A 161 27.11 4.90 -30.54
C ASP A 161 26.89 6.33 -31.03
N ASP A 162 27.14 6.63 -32.31
CA ASP A 162 27.01 7.95 -32.88
C ASP A 162 25.74 8.08 -33.69
N TRP A 163 24.77 7.16 -33.51
CA TRP A 163 23.61 7.12 -34.40
C TRP A 163 22.84 8.43 -34.39
N LEU A 164 22.77 9.11 -33.25
CA LEU A 164 21.94 10.30 -33.17
C LEU A 164 22.47 11.44 -34.04
N ASP A 165 23.70 11.36 -34.53
CA ASP A 165 24.20 12.30 -35.54
C ASP A 165 23.39 12.22 -36.82
N ARG A 166 22.80 11.05 -37.09
CA ARG A 166 22.13 10.79 -38.35
C ARG A 166 20.65 10.46 -38.22
N ILE A 167 20.18 10.01 -37.05
CA ILE A 167 18.81 9.58 -36.88
C ILE A 167 18.24 10.13 -35.58
N SER A 168 16.93 10.10 -35.49
CA SER A 168 16.28 10.60 -34.27
C SER A 168 16.33 9.56 -33.14
N SER A 169 16.08 10.04 -31.92
N SER A 169 16.01 10.00 -31.93
CA SER A 169 16.02 9.15 -30.77
CA SER A 169 16.06 9.08 -30.79
C SER A 169 15.00 8.05 -30.99
C SER A 169 14.93 8.08 -30.84
N TYR A 170 13.80 8.41 -31.48
CA TYR A 170 12.79 7.40 -31.69
C TYR A 170 13.34 6.29 -32.57
N THR A 171 14.01 6.66 -33.66
CA THR A 171 14.54 5.67 -34.60
C THR A 171 15.68 4.88 -33.97
N ALA A 172 16.54 5.55 -33.22
CA ALA A 172 17.64 4.88 -32.51
C ALA A 172 17.12 3.86 -31.51
N PHE A 173 16.11 4.25 -30.72
CA PHE A 173 15.55 3.30 -29.78
C PHE A 173 14.92 2.13 -30.48
N SER A 174 14.23 2.36 -31.61
CA SER A 174 13.63 1.26 -32.36
C SER A 174 14.69 0.32 -32.92
N ARG A 175 15.79 0.89 -33.38
CA ARG A 175 16.92 0.05 -33.81
C ARG A 175 17.46 -0.76 -32.64
N LEU A 176 17.68 -0.09 -31.51
CA LEU A 176 18.24 -0.79 -30.35
C LEU A 176 17.36 -1.95 -29.91
N THR A 177 16.05 -1.70 -29.79
CA THR A 177 15.17 -2.74 -29.31
C THR A 177 15.05 -3.85 -30.35
N LEU A 178 15.16 -3.53 -31.64
CA LEU A 178 15.19 -4.61 -32.64
C LEU A 178 16.46 -5.45 -32.53
N LEU A 179 17.60 -4.79 -32.38
CA LEU A 179 18.85 -5.53 -32.20
C LEU A 179 18.77 -6.40 -30.94
N LEU A 180 18.27 -5.84 -29.85
CA LEU A 180 18.25 -6.58 -28.61
C LEU A 180 17.19 -7.68 -28.63
N ARG A 181 16.03 -7.42 -29.22
CA ARG A 181 15.05 -8.49 -29.41
C ARG A 181 15.64 -9.64 -30.22
N ALA A 182 16.43 -9.34 -31.25
CA ALA A 182 17.01 -10.41 -32.05
C ALA A 182 18.00 -11.21 -31.22
N LEU A 183 18.92 -10.50 -30.55
CA LEU A 183 19.91 -11.15 -29.72
C LEU A 183 19.27 -12.01 -28.64
N LYS A 184 18.08 -11.62 -28.16
CA LYS A 184 17.39 -12.40 -27.15
C LYS A 184 16.71 -13.64 -27.73
N THR A 185 16.19 -13.55 -28.96
N THR A 185 16.22 -13.55 -28.96
CA THR A 185 15.49 -14.68 -29.55
CA THR A 185 15.49 -14.66 -29.55
C THR A 185 16.45 -15.72 -30.10
C THR A 185 16.44 -15.72 -30.13
N ASN A 186 17.56 -15.28 -30.70
CA ASN A 186 18.55 -16.20 -31.25
C ASN A 186 19.89 -15.45 -31.28
N GLU A 187 20.66 -15.61 -30.19
CA GLU A 187 21.87 -14.82 -30.03
C GLU A 187 22.89 -15.14 -31.12
N GLU A 188 23.12 -16.43 -31.39
CA GLU A 188 24.15 -16.80 -32.36
C GLU A 188 23.86 -16.18 -33.70
N SER A 189 22.62 -16.35 -34.17
CA SER A 189 22.24 -15.81 -35.47
C SER A 189 22.36 -14.30 -35.50
N ALA A 190 21.82 -13.63 -34.48
CA ALA A 190 21.94 -12.18 -34.42
C ALA A 190 23.40 -11.74 -34.48
N LYS A 191 24.27 -12.40 -33.73
CA LYS A 191 25.67 -11.99 -33.73
C LYS A 191 26.34 -12.30 -35.07
N MET A 192 25.96 -13.42 -35.70
CA MET A 192 26.42 -13.67 -37.06
CA MET A 192 26.40 -13.69 -37.07
C MET A 192 25.99 -12.55 -38.00
N ILE A 193 24.74 -12.10 -37.89
CA ILE A 193 24.27 -11.02 -38.75
C ILE A 193 25.16 -9.79 -38.59
N LEU A 194 25.43 -9.43 -37.34
CA LEU A 194 26.09 -8.16 -37.06
C LEU A 194 27.56 -8.15 -37.47
N LEU A 195 28.20 -9.31 -37.55
CA LEU A 195 29.64 -9.39 -37.76
C LEU A 195 30.02 -10.18 -39.01
N SER A 196 29.06 -10.70 -39.76
CA SER A 196 29.39 -11.55 -40.90
C SER A 196 30.40 -10.89 -41.83
N ASP A 197 30.29 -9.57 -42.02
CA ASP A 197 31.13 -8.85 -42.96
C ASP A 197 32.35 -8.28 -42.24
N PRO A 198 33.56 -8.80 -42.46
CA PRO A 198 34.71 -8.34 -41.68
C PRO A 198 35.14 -6.92 -41.99
N THR A 199 34.71 -6.35 -43.11
CA THR A 199 35.13 -5.01 -43.46
C THR A 199 34.45 -3.96 -42.59
N ILE A 200 33.29 -4.28 -42.00
CA ILE A 200 32.60 -3.35 -41.11
C ILE A 200 33.04 -3.71 -39.70
N THR A 201 33.70 -2.78 -39.05
CA THR A 201 34.26 -3.01 -37.74
C THR A 201 33.49 -2.21 -36.70
N ILE A 202 33.79 -2.53 -35.44
CA ILE A 202 33.31 -1.78 -34.30
C ILE A 202 34.41 -0.85 -33.81
N LYS A 203 34.13 0.44 -33.80
CA LYS A 203 35.15 1.36 -33.33
C LYS A 203 35.47 1.07 -31.87
N SER A 204 36.71 1.38 -31.48
CA SER A 204 37.12 1.13 -30.10
C SER A 204 36.14 1.77 -29.11
N TYR A 205 35.62 2.95 -29.44
CA TYR A 205 34.74 3.72 -28.56
C TYR A 205 33.24 3.44 -28.81
N HIS A 206 32.91 2.36 -29.51
CA HIS A 206 31.53 2.02 -29.85
C HIS A 206 31.20 0.59 -29.42
N LEU A 207 29.91 0.29 -29.46
CA LEU A 207 29.42 -1.02 -29.07
C LEU A 207 29.03 -1.88 -30.27
N TRP A 208 28.57 -1.23 -31.34
CA TRP A 208 28.02 -1.84 -32.53
C TRP A 208 28.89 -1.48 -33.73
N PRO A 209 28.76 -2.21 -34.82
CA PRO A 209 29.58 -1.92 -36.01
C PRO A 209 29.23 -0.61 -36.67
N SER A 210 30.18 -0.13 -37.46
CA SER A 210 30.09 1.17 -38.14
C SER A 210 29.36 1.07 -39.49
N PHE A 211 28.08 0.71 -39.41
CA PHE A 211 27.29 0.50 -40.61
C PHE A 211 26.93 1.82 -41.25
N THR A 212 27.00 1.86 -42.59
CA THR A 212 26.39 2.96 -43.29
C THR A 212 24.87 2.91 -43.16
N ASP A 213 24.21 4.02 -43.50
CA ASP A 213 22.76 4.06 -43.49
C ASP A 213 22.16 2.90 -44.28
N GLU A 214 22.72 2.60 -45.46
CA GLU A 214 22.16 1.53 -46.27
C GLU A 214 22.41 0.18 -45.61
N GLN A 215 23.59 -0.01 -45.03
CA GLN A 215 23.90 -1.26 -44.38
C GLN A 215 23.03 -1.48 -43.15
N TRP A 216 22.61 -0.39 -42.49
CA TRP A 216 21.72 -0.56 -41.35
C TRP A 216 20.36 -1.07 -41.81
N ILE A 217 19.89 -0.58 -42.96
CA ILE A 217 18.64 -1.07 -43.51
C ILE A 217 18.72 -2.56 -43.79
N THR A 218 19.82 -3.00 -44.44
CA THR A 218 20.00 -4.43 -44.63
C THR A 218 20.05 -5.17 -43.30
N ILE A 219 20.89 -4.70 -42.38
CA ILE A 219 20.99 -5.34 -41.08
C ILE A 219 19.63 -5.42 -40.41
N GLU A 220 18.92 -4.29 -40.36
CA GLU A 220 17.63 -4.25 -39.69
C GLU A 220 16.65 -5.23 -40.32
N SER A 221 16.67 -5.35 -41.65
N SER A 221 16.66 -5.34 -41.65
CA SER A 221 15.81 -6.32 -42.32
CA SER A 221 15.79 -6.32 -42.30
C SER A 221 16.19 -7.75 -41.93
C SER A 221 16.18 -7.74 -41.90
N GLN A 222 17.48 -8.01 -41.80
CA GLN A 222 17.93 -9.35 -41.41
C GLN A 222 17.48 -9.69 -40.00
N MET A 223 17.44 -8.70 -39.09
CA MET A 223 17.00 -8.96 -37.72
C MET A 223 15.51 -9.26 -37.67
N ARG A 224 14.71 -8.50 -38.41
N ARG A 224 14.70 -8.53 -38.44
CA ARG A 224 13.28 -8.79 -38.49
CA ARG A 224 13.27 -8.80 -38.46
C ARG A 224 13.04 -10.20 -39.01
C ARG A 224 12.99 -10.18 -39.05
N ASP A 225 13.66 -10.55 -40.13
CA ASP A 225 13.55 -11.91 -40.64
CA ASP A 225 13.57 -11.91 -40.65
C ASP A 225 13.88 -12.93 -39.55
N LEU A 226 14.99 -12.72 -38.83
CA LEU A 226 15.38 -13.62 -37.75
C LEU A 226 14.27 -13.74 -36.71
N ILE A 227 13.69 -12.61 -36.30
CA ILE A 227 12.68 -12.62 -35.25
C ILE A 227 11.42 -13.32 -35.74
N LEU A 228 11.01 -13.03 -36.98
CA LEU A 228 9.84 -13.68 -37.54
C LEU A 228 10.06 -15.19 -37.67
N THR A 229 11.18 -15.58 -38.29
CA THR A 229 11.62 -16.97 -38.35
C THR A 229 11.48 -17.66 -36.99
N GLU A 230 12.41 -17.37 -36.07
CA GLU A 230 12.37 -17.94 -34.73
C GLU A 230 10.95 -18.04 -34.20
N TYR A 231 10.13 -17.05 -34.53
CA TYR A 231 8.74 -17.08 -34.12
C TYR A 231 7.97 -18.19 -34.85
N GLY A 232 8.42 -18.57 -36.05
CA GLY A 232 7.90 -19.76 -36.71
C GLY A 232 8.54 -21.01 -36.16
N ARG A 233 9.86 -21.15 -36.31
CA ARG A 233 10.62 -22.24 -35.69
C ARG A 233 10.09 -22.55 -34.30
N LYS A 234 9.60 -21.52 -33.59
CA LYS A 234 9.06 -21.72 -32.25
C LYS A 234 7.66 -22.32 -32.31
N TYR A 235 6.74 -21.65 -33.00
CA TYR A 235 5.35 -22.07 -33.05
C TYR A 235 5.04 -22.99 -34.24
N ASN A 236 6.01 -23.23 -35.12
CA ASN A 236 5.80 -24.02 -36.33
C ASN A 236 4.74 -23.35 -37.20
N VAL A 237 5.14 -22.30 -37.93
CA VAL A 237 4.25 -21.55 -38.80
C VAL A 237 4.95 -21.14 -40.09
N MET B 5 -26.73 2.53 36.52
CA MET B 5 -27.38 2.56 35.17
C MET B 5 -27.86 3.98 34.80
N ASN B 6 -27.64 4.39 33.55
CA ASN B 6 -27.95 5.76 33.12
C ASN B 6 -28.94 5.77 31.97
N THR B 7 -29.39 6.98 31.64
CA THR B 7 -30.56 7.19 30.78
C THR B 7 -30.26 8.30 29.80
N VAL B 8 -30.69 8.10 28.58
CA VAL B 8 -30.67 9.11 27.53
C VAL B 8 -32.09 9.33 27.06
N PRO B 9 -32.91 10.38 27.62
CA PRO B 9 -34.46 10.93 27.40
C PRO B 9 -34.39 11.46 25.96
N PHE B 10 -35.52 11.39 25.27
CA PHE B 10 -35.76 11.90 23.91
C PHE B 10 -36.89 12.91 24.09
N THR B 11 -36.77 14.14 23.60
CA THR B 11 -37.88 15.12 23.72
C THR B 11 -39.04 14.37 23.06
N SER B 12 -38.78 13.75 21.88
CA SER B 12 -39.85 13.18 21.06
C SER B 12 -39.19 12.43 19.91
N ALA B 13 -40.03 11.74 19.13
CA ALA B 13 -39.56 11.07 17.92
C ALA B 13 -40.44 11.48 16.73
N PRO B 14 -40.19 12.66 16.16
CA PRO B 14 -41.09 13.15 15.09
C PRO B 14 -40.93 12.44 13.76
N ILE B 15 -39.81 11.79 13.48
CA ILE B 15 -39.66 11.10 12.22
C ILE B 15 -39.28 9.64 12.46
N GLU B 16 -39.83 8.79 11.62
CA GLU B 16 -39.58 7.36 11.66
C GLU B 16 -38.10 7.11 11.41
N VAL B 17 -37.52 6.27 12.27
CA VAL B 17 -36.07 6.16 12.36
C VAL B 17 -35.75 4.83 13.01
N THR B 18 -34.73 4.16 12.50
CA THR B 18 -34.10 3.05 13.21
C THR B 18 -33.04 3.63 14.14
N ILE B 19 -33.17 3.31 15.43
CA ILE B 19 -32.25 3.79 16.47
C ILE B 19 -31.38 2.63 16.89
N GLY B 20 -30.08 2.86 16.88
CA GLY B 20 -29.13 1.92 17.41
C GLY B 20 -28.60 2.40 18.76
N ILE B 21 -28.35 1.46 19.66
CA ILE B 21 -27.65 1.79 20.88
C ILE B 21 -26.63 0.66 21.00
N ASP B 22 -25.37 1.02 20.85
CA ASP B 22 -24.28 0.04 20.77
C ASP B 22 -24.66 -0.96 19.69
N GLN B 23 -24.62 -2.25 19.97
CA GLN B 23 -24.88 -3.27 18.97
C GLN B 23 -26.37 -3.61 18.86
N TYR B 24 -27.23 -2.90 19.57
CA TYR B 24 -28.66 -3.11 19.52
C TYR B 24 -29.33 -2.07 18.65
N SER B 25 -30.56 -2.36 18.25
CA SER B 25 -31.28 -1.43 17.38
C SER B 25 -32.76 -1.75 17.38
N PHE B 26 -33.56 -0.72 17.18
CA PHE B 26 -35.00 -0.86 17.21
C PHE B 26 -35.59 0.22 16.33
N ASN B 27 -36.79 -0.04 15.82
CA ASN B 27 -37.49 0.88 14.95
C ASN B 27 -38.43 1.75 15.76
N VAL B 28 -38.48 3.04 15.44
CA VAL B 28 -39.44 3.96 16.05
C VAL B 28 -40.30 4.56 14.93
N LYS B 29 -41.62 4.46 15.06
CA LYS B 29 -42.48 5.01 14.03
C LYS B 29 -42.65 6.52 14.19
N GLU B 30 -43.01 7.20 13.08
CA GLU B 30 -43.24 8.64 13.09
C GLU B 30 -44.23 9.04 14.18
N ASN B 31 -43.80 9.94 15.07
CA ASN B 31 -44.58 10.44 16.20
C ASN B 31 -45.00 9.33 17.19
N GLN B 32 -44.23 8.25 17.25
CA GLN B 32 -44.47 7.24 18.27
C GLN B 32 -44.02 7.76 19.63
N PRO B 33 -44.77 7.45 20.71
CA PRO B 33 -44.45 8.02 22.04
C PRO B 33 -43.19 7.44 22.69
N PHE B 34 -42.08 7.67 22.02
CA PHE B 34 -40.79 7.15 22.45
C PHE B 34 -40.02 8.24 23.17
N HIS B 35 -39.59 7.96 24.42
CA HIS B 35 -38.87 8.99 25.17
C HIS B 35 -37.51 8.52 25.68
N GLY B 36 -36.93 7.52 25.04
CA GLY B 36 -35.51 7.32 25.16
C GLY B 36 -35.12 5.94 25.62
N ILE B 37 -33.88 5.86 26.12
CA ILE B 37 -33.22 4.61 26.45
C ILE B 37 -32.76 4.66 27.90
N LYS B 38 -33.09 3.61 28.65
CA LYS B 38 -32.76 3.53 30.06
C LYS B 38 -31.86 2.32 30.31
N ASP B 39 -31.32 2.25 31.54
CA ASP B 39 -30.54 1.12 32.01
C ASP B 39 -29.25 0.95 31.20
N ILE B 40 -28.67 2.06 30.78
CA ILE B 40 -27.44 2.03 30.00
C ILE B 40 -26.27 1.76 30.95
N PRO B 41 -25.47 0.73 30.70
CA PRO B 41 -24.38 0.37 31.62
C PRO B 41 -23.37 1.48 31.78
N ILE B 42 -23.11 1.81 33.01
CA ILE B 42 -22.05 2.71 33.38
C ILE B 42 -20.71 1.98 33.30
N GLY B 43 -19.72 2.66 32.77
CA GLY B 43 -18.37 2.13 32.74
C GLY B 43 -17.81 1.99 31.36
N HIS B 44 -18.64 2.18 30.33
CA HIS B 44 -18.25 1.95 28.97
C HIS B 44 -18.60 3.22 28.21
N VAL B 45 -17.92 3.46 27.11
N VAL B 45 -17.87 3.51 27.15
CA VAL B 45 -18.39 4.42 26.13
CA VAL B 45 -18.42 4.42 26.15
C VAL B 45 -19.47 3.78 25.28
C VAL B 45 -19.61 3.75 25.49
N HIS B 46 -20.47 4.57 24.87
CA HIS B 46 -21.58 4.07 24.14
C HIS B 46 -21.72 4.90 22.87
N VAL B 47 -22.51 4.38 21.96
CA VAL B 47 -22.84 5.09 20.74
C VAL B 47 -24.34 4.92 20.51
N ILE B 48 -25.02 6.04 20.29
N ILE B 48 -25.04 6.04 20.34
CA ILE B 48 -26.41 6.01 19.88
CA ILE B 48 -26.43 6.02 19.90
C ILE B 48 -26.47 6.52 18.46
C ILE B 48 -26.45 6.51 18.46
N HIS B 49 -27.12 5.76 17.59
CA HIS B 49 -27.02 6.01 16.17
C HIS B 49 -28.37 5.89 15.48
N PHE B 50 -28.43 6.51 14.30
CA PHE B 50 -29.71 6.77 13.68
C PHE B 50 -29.64 6.50 12.18
N GLN B 51 -30.70 5.89 11.67
CA GLN B 51 -30.92 5.80 10.22
C GLN B 51 -32.36 6.14 9.94
N HIS B 52 -32.59 7.24 9.24
CA HIS B 52 -33.96 7.63 9.01
C HIS B 52 -34.64 6.64 8.07
N ALA B 53 -35.94 6.44 8.28
CA ALA B 53 -36.70 5.54 7.43
C ALA B 53 -36.77 6.06 6.01
N ASP B 54 -36.87 7.38 5.84
CA ASP B 54 -37.08 7.93 4.50
C ASP B 54 -35.78 8.09 3.74
N ASN B 55 -34.65 8.19 4.44
CA ASN B 55 -33.35 8.38 3.79
C ASN B 55 -32.34 7.53 4.54
N SER B 56 -32.20 6.27 4.11
CA SER B 56 -31.14 5.43 4.63
C SER B 56 -29.76 6.01 4.34
N SER B 57 -29.68 7.04 3.51
CA SER B 57 -28.41 7.73 3.33
C SER B 57 -28.04 8.50 4.60
N MET B 58 -26.75 8.51 4.92
N MET B 58 -26.76 8.45 4.93
CA MET B 58 -26.26 9.04 6.18
CA MET B 58 -26.24 9.03 6.16
C MET B 58 -26.81 8.29 7.38
C MET B 58 -26.78 8.31 7.39
N ARG B 59 -26.11 7.24 7.79
CA ARG B 59 -26.18 6.82 9.17
C ARG B 59 -25.36 7.83 9.97
N TYR B 60 -25.81 8.18 11.16
CA TYR B 60 -25.07 9.15 11.95
C TYR B 60 -25.33 8.80 13.40
N GLY B 61 -24.53 9.38 14.28
CA GLY B 61 -24.66 9.02 15.70
C GLY B 61 -23.67 9.75 16.57
N TYR B 62 -23.72 9.40 17.86
CA TYR B 62 -23.02 10.14 18.91
C TYR B 62 -22.35 9.14 19.83
N TRP B 63 -21.04 9.30 20.01
CA TRP B 63 -20.29 8.63 21.07
C TRP B 63 -20.37 9.47 22.33
N PHE B 64 -20.65 8.81 23.47
CA PHE B 64 -20.82 9.51 24.73
C PHE B 64 -20.48 8.55 25.87
N ASP B 65 -20.34 9.13 27.05
CA ASP B 65 -20.06 8.43 28.30
C ASP B 65 -20.89 9.14 29.34
N CYS B 66 -21.93 8.47 29.84
CA CYS B 66 -22.86 9.06 30.80
C CYS B 66 -22.17 9.54 32.08
N ARG B 67 -20.96 9.08 32.35
CA ARG B 67 -20.26 9.61 33.51
C ARG B 67 -19.85 11.06 33.30
N MET B 68 -19.85 11.53 32.05
N MET B 68 -19.83 11.53 32.06
CA MET B 68 -19.36 12.87 31.72
CA MET B 68 -19.35 12.86 31.71
C MET B 68 -20.45 13.92 31.65
C MET B 68 -20.46 13.90 31.59
N GLY B 69 -21.69 13.55 31.92
CA GLY B 69 -22.76 14.52 31.90
C GLY B 69 -24.09 13.84 31.65
N ASN B 70 -25.15 14.65 31.69
CA ASN B 70 -26.49 14.19 31.37
C ASN B 70 -26.84 14.56 29.93
N PHE B 71 -27.06 13.55 29.09
CA PHE B 71 -27.29 13.78 27.67
C PHE B 71 -28.68 13.33 27.29
N TYR B 72 -29.25 13.97 26.29
CA TYR B 72 -30.59 13.65 25.77
C TYR B 72 -30.57 13.86 24.27
N ILE B 73 -31.69 13.55 23.62
CA ILE B 73 -31.78 13.66 22.14
C ILE B 73 -33.01 14.51 21.77
N GLN B 74 -32.83 15.56 21.02
CA GLN B 74 -34.02 16.30 20.57
C GLN B 74 -33.87 16.36 19.05
N TYR B 75 -34.92 16.03 18.33
CA TYR B 75 -34.94 16.17 16.89
C TYR B 75 -34.91 17.65 16.54
N ASP B 76 -34.11 18.01 15.52
CA ASP B 76 -34.08 19.37 15.02
C ASP B 76 -34.71 19.41 13.62
N PRO B 77 -35.90 20.00 13.47
CA PRO B 77 -36.57 19.98 12.16
C PRO B 77 -35.94 20.88 11.14
N LYS B 78 -35.01 21.74 11.54
CA LYS B 78 -34.36 22.59 10.56
C LYS B 78 -33.18 21.85 9.94
N ASP B 79 -32.30 21.30 10.79
CA ASP B 79 -31.18 20.51 10.29
C ASP B 79 -31.56 19.07 9.96
N GLY B 80 -32.76 18.64 10.36
CA GLY B 80 -33.29 17.39 9.91
C GLY B 80 -32.62 16.20 10.57
N LEU B 81 -32.18 16.35 11.81
CA LEU B 81 -31.63 15.17 12.46
C LEU B 81 -31.83 15.17 13.97
N TYR B 82 -31.72 13.97 14.50
CA TYR B 82 -31.72 13.78 15.95
C TYR B 82 -30.38 14.25 16.50
N LYS B 83 -30.42 15.25 17.39
CA LYS B 83 -29.22 15.84 17.96
C LYS B 83 -29.03 15.44 19.42
N MET B 84 -27.82 15.08 19.74
CA MET B 84 -27.50 14.92 21.15
C MET B 84 -27.26 16.30 21.74
N MET B 85 -27.70 16.47 22.97
CA MET B 85 -27.45 17.68 23.74
C MET B 85 -27.12 17.31 25.18
N GLU B 86 -26.48 18.23 25.88
CA GLU B 86 -26.22 18.10 27.31
C GLU B 86 -27.17 18.99 28.09
N GLU B 87 -27.79 18.43 29.14
CA GLU B 87 -28.62 19.13 30.12
C GLU B 87 -27.67 19.46 31.27
N ARG B 88 -27.44 20.74 31.55
CA ARG B 88 -26.61 21.11 32.70
C ARG B 88 -27.42 21.13 34.00
N ASP B 89 -28.72 21.38 33.92
CA ASP B 89 -29.60 21.40 35.09
C ASP B 89 -29.90 19.97 35.51
N GLY B 90 -29.10 19.45 36.44
CA GLY B 90 -29.26 18.06 36.88
C GLY B 90 -30.62 17.76 37.48
N ALA B 91 -31.24 18.76 38.11
CA ALA B 91 -32.55 18.53 38.73
C ALA B 91 -33.65 18.51 37.68
N LYS B 92 -33.39 19.18 36.55
CA LYS B 92 -34.35 19.19 35.41
C LYS B 92 -34.40 17.78 34.87
N PHE B 93 -33.22 17.29 34.51
CA PHE B 93 -32.97 15.97 33.92
C PHE B 93 -33.46 14.88 34.82
N GLU B 94 -33.11 14.87 36.10
CA GLU B 94 -33.67 13.80 36.93
C GLU B 94 -35.19 13.84 36.91
N ASN B 95 -35.76 15.05 36.95
CA ASN B 95 -37.21 15.19 36.96
C ASN B 95 -37.82 14.75 35.63
N ILE B 96 -37.15 15.10 34.56
CA ILE B 96 -37.65 14.74 33.23
C ILE B 96 -37.50 13.22 33.07
N VAL B 97 -36.38 12.56 33.49
CA VAL B 97 -36.21 11.13 33.30
C VAL B 97 -37.17 10.34 34.18
N HIS B 98 -37.33 10.74 35.44
CA HIS B 98 -38.25 10.03 36.32
C HIS B 98 -39.68 10.04 35.78
N ASN B 99 -40.15 11.17 35.25
CA ASN B 99 -41.48 11.20 34.63
C ASN B 99 -41.58 10.18 33.49
N PHE B 100 -40.69 10.18 32.53
CA PHE B 100 -40.77 9.23 31.40
C PHE B 100 -40.61 7.78 31.90
N LYS B 101 -39.75 7.46 32.88
CA LYS B 101 -39.70 6.09 33.39
C LYS B 101 -41.02 5.69 34.03
N GLU B 102 -41.63 6.59 34.82
CA GLU B 102 -42.92 6.27 35.43
C GLU B 102 -43.98 6.00 34.38
N ARG B 103 -43.95 6.71 33.26
CA ARG B 103 -44.88 6.45 32.17
C ARG B 103 -44.41 5.33 31.24
N GLN B 104 -43.28 4.68 31.57
CA GLN B 104 -42.71 3.56 30.80
C GLN B 104 -42.62 3.86 29.30
N MET B 105 -42.12 5.04 28.98
CA MET B 105 -41.98 5.46 27.60
C MET B 105 -40.56 5.23 27.08
N MET B 106 -39.75 4.41 27.77
CA MET B 106 -38.37 4.18 27.39
C MET B 106 -38.08 2.71 27.10
N VAL B 107 -37.15 2.47 26.20
CA VAL B 107 -36.63 1.14 25.94
C VAL B 107 -35.50 0.89 26.92
N SER B 108 -35.34 -0.36 27.33
CA SER B 108 -34.30 -0.74 28.24
C SER B 108 -33.09 -1.27 27.45
N TYR B 109 -31.93 -0.73 27.75
CA TYR B 109 -30.70 -1.29 27.18
C TYR B 109 -30.68 -2.80 27.43
N PRO B 110 -30.70 -3.61 26.41
CA PRO B 110 -31.12 -4.99 26.61
C PRO B 110 -29.96 -5.92 26.72
N LYS B 111 -29.14 -5.73 27.76
CA LYS B 111 -27.92 -6.51 27.92
C LYS B 111 -28.25 -7.82 28.62
N ILE B 112 -27.90 -8.93 27.96
CA ILE B 112 -27.85 -10.24 28.59
C ILE B 112 -26.70 -10.27 29.60
N ASP B 113 -26.95 -10.89 30.75
CA ASP B 113 -25.95 -10.82 31.82
C ASP B 113 -24.68 -11.59 31.48
N GLU B 114 -24.81 -12.71 30.76
CA GLU B 114 -23.65 -13.48 30.29
C GLU B 114 -22.77 -12.68 29.32
N ASP B 115 -23.28 -11.59 28.76
CA ASP B 115 -22.79 -11.08 27.50
C ASP B 115 -21.73 -10.01 27.71
N ASP B 116 -20.51 -10.27 27.24
CA ASP B 116 -19.44 -9.30 27.34
C ASP B 116 -19.15 -8.63 25.99
N THR B 117 -20.02 -8.79 25.01
CA THR B 117 -19.70 -8.28 23.67
C THR B 117 -19.28 -6.81 23.70
N TRP B 118 -20.07 -5.94 24.33
CA TRP B 118 -19.76 -4.52 24.21
C TRP B 118 -18.46 -4.18 24.92
N TYR B 119 -18.25 -4.75 26.12
CA TYR B 119 -16.97 -4.58 26.79
C TYR B 119 -15.83 -4.99 25.85
N ASN B 120 -15.99 -6.14 25.19
CA ASN B 120 -14.92 -6.70 24.40
C ASN B 120 -14.65 -5.85 23.16
N LEU B 121 -15.66 -5.14 22.67
CA LEU B 121 -15.46 -4.27 21.50
C LEU B 121 -14.91 -2.90 21.86
N THR B 122 -15.03 -2.49 23.13
CA THR B 122 -14.71 -1.12 23.57
C THR B 122 -13.68 -1.11 24.70
N GLU B 123 -13.01 -2.23 24.94
CA GLU B 123 -12.12 -2.41 26.09
C GLU B 123 -11.14 -1.24 26.22
N PHE B 124 -10.50 -0.83 25.13
CA PHE B 124 -9.49 0.21 25.15
C PHE B 124 -9.98 1.56 24.68
N VAL B 125 -11.27 1.70 24.39
CA VAL B 125 -11.82 2.92 23.83
C VAL B 125 -12.19 3.86 24.97
N GLN B 126 -11.68 5.07 24.93
N GLN B 126 -11.60 5.04 24.98
CA GLN B 126 -11.86 6.07 25.96
CA GLN B 126 -11.86 6.09 25.95
C GLN B 126 -12.37 7.36 25.34
C GLN B 126 -12.46 7.30 25.27
N MET B 127 -13.42 7.93 25.94
CA MET B 127 -14.01 9.17 25.43
C MET B 127 -12.97 10.24 25.21
N ASP B 128 -11.97 10.36 26.09
CA ASP B 128 -11.03 11.45 25.89
C ASP B 128 -10.29 11.27 24.58
N LYS B 129 -10.00 10.02 24.20
CA LYS B 129 -9.29 9.82 22.94
C LYS B 129 -10.23 10.01 21.76
N ILE B 130 -11.49 9.56 21.87
CA ILE B 130 -12.49 9.83 20.84
C ILE B 130 -12.53 11.33 20.56
N ARG B 131 -12.55 12.15 21.63
CA ARG B 131 -12.73 13.59 21.43
C ARG B 131 -11.54 14.22 20.71
N LYS B 132 -10.36 13.57 20.72
CA LYS B 132 -9.19 14.05 19.97
C LYS B 132 -9.23 13.59 18.52
N ILE B 133 -9.88 12.46 18.23
CA ILE B 133 -10.09 12.05 16.85
C ILE B 133 -11.21 12.86 16.23
N VAL B 134 -12.28 13.12 16.99
CA VAL B 134 -13.46 13.86 16.52
C VAL B 134 -13.45 15.20 17.24
N ARG B 135 -12.97 16.25 16.59
CA ARG B 135 -12.72 17.52 17.26
C ARG B 135 -13.98 18.39 17.24
N LYS B 136 -14.58 18.57 18.42
CA LYS B 136 -15.69 19.52 18.63
C LYS B 136 -15.75 19.83 20.12
N ASP B 137 -14.79 20.63 20.59
CA ASP B 137 -14.46 20.67 22.01
C ASP B 137 -15.56 21.25 22.88
N GLU B 138 -16.55 21.94 22.31
CA GLU B 138 -17.60 22.48 23.14
C GLU B 138 -18.60 21.42 23.63
N ASN B 139 -18.58 20.22 23.05
CA ASN B 139 -19.45 19.13 23.45
C ASN B 139 -18.64 18.00 24.08
N GLN B 140 -19.30 17.28 25.00
CA GLN B 140 -18.70 16.13 25.69
C GLN B 140 -18.90 14.82 24.95
N PHE B 141 -19.71 14.84 23.91
CA PHE B 141 -20.03 13.69 23.08
C PHE B 141 -19.53 14.03 21.67
N SER B 142 -19.45 13.02 20.82
CA SER B 142 -18.82 13.15 19.50
C SER B 142 -19.73 12.61 18.42
N TYR B 143 -20.00 13.45 17.42
CA TYR B 143 -20.82 13.09 16.28
C TYR B 143 -19.95 12.45 15.21
N VAL B 144 -20.43 11.33 14.68
CA VAL B 144 -19.82 10.68 13.52
C VAL B 144 -20.93 10.34 12.55
N ASP B 145 -20.62 10.37 11.24
CA ASP B 145 -21.56 9.84 10.25
C ASP B 145 -20.84 9.11 9.12
N SER B 146 -21.65 8.55 8.21
CA SER B 146 -21.15 7.72 7.11
C SER B 146 -20.15 8.47 6.23
N SER B 147 -20.35 9.78 6.05
CA SER B 147 -19.62 10.51 5.01
C SER B 147 -18.33 11.16 5.50
N MET B 148 -18.12 11.27 6.81
CA MET B 148 -16.94 11.97 7.29
C MET B 148 -15.69 11.31 6.75
N THR B 149 -14.77 12.14 6.29
CA THR B 149 -13.50 11.65 5.77
C THR B 149 -12.44 11.84 6.84
N THR B 150 -11.33 11.15 6.65
CA THR B 150 -10.23 11.16 7.60
C THR B 150 -9.17 12.17 7.17
N VAL B 151 -8.36 12.61 8.15
CA VAL B 151 -7.24 13.49 7.83
C VAL B 151 -6.46 12.94 6.64
N GLN B 152 -6.15 11.63 6.66
CA GLN B 152 -5.34 11.05 5.59
C GLN B 152 -6.07 11.06 4.26
N GLU B 153 -7.38 10.79 4.27
CA GLU B 153 -8.16 10.90 3.03
C GLU B 153 -8.08 12.31 2.44
N ASN B 154 -8.08 13.33 3.31
CA ASN B 154 -8.04 14.73 2.87
C ASN B 154 -6.67 15.14 2.30
N GLU B 155 -5.62 14.39 2.61
CA GLU B 155 -4.30 14.66 2.04
C GLU B 155 -4.19 14.16 0.62
N LEU B 156 -5.00 13.18 0.23
CA LEU B 156 -4.94 12.55 -1.08
C LEU B 156 -6.11 13.02 -1.96
N SER B 161 -13.29 18.09 2.05
CA SER B 161 -12.02 18.73 2.34
C SER B 161 -12.16 19.70 3.51
N ASP B 162 -13.28 19.61 4.24
CA ASP B 162 -13.57 20.48 5.38
C ASP B 162 -12.88 19.93 6.63
N PRO B 163 -11.84 20.60 7.14
CA PRO B 163 -11.09 20.01 8.27
C PRO B 163 -11.88 19.88 9.57
N ALA B 164 -12.86 20.74 9.82
CA ALA B 164 -13.58 20.70 11.08
C ALA B 164 -14.35 19.39 11.26
N HIS B 165 -14.83 18.82 10.16
CA HIS B 165 -15.71 17.66 10.15
C HIS B 165 -14.95 16.37 9.86
N SER B 166 -13.66 16.32 10.17
CA SER B 166 -12.81 15.19 9.80
C SER B 166 -12.63 14.24 10.98
N LEU B 167 -12.25 13.01 10.65
CA LEU B 167 -11.81 12.04 11.63
C LEU B 167 -10.29 12.08 11.67
N ASN B 168 -9.73 12.59 12.77
N ASN B 168 -9.75 12.56 12.79
CA ASN B 168 -8.29 12.78 12.88
CA ASN B 168 -8.32 12.78 12.97
C ASN B 168 -7.63 11.53 13.47
C ASN B 168 -7.64 11.52 13.49
N TYR B 169 -7.75 10.43 12.72
CA TYR B 169 -7.06 9.22 13.06
C TYR B 169 -5.57 9.44 12.82
N THR B 170 -4.78 8.62 13.48
CA THR B 170 -3.33 8.67 13.33
C THR B 170 -2.96 8.18 11.94
N VAL B 171 -2.19 8.97 11.22
CA VAL B 171 -1.86 8.65 9.84
C VAL B 171 -0.80 7.55 9.81
N ILE B 172 -1.12 6.46 9.12
CA ILE B 172 -0.24 5.32 8.92
C ILE B 172 -0.01 5.18 7.42
N ASN B 173 1.24 5.16 6.99
CA ASN B 173 1.49 5.10 5.55
C ASN B 173 2.81 4.36 5.38
N PHE B 174 2.75 3.13 4.85
CA PHE B 174 3.90 2.22 4.86
C PHE B 174 4.99 2.66 3.91
N LYS B 175 4.69 3.57 3.01
CA LYS B 175 5.68 4.11 2.06
C LYS B 175 5.83 5.59 2.34
N SER B 176 6.37 5.91 3.51
CA SER B 176 6.51 7.28 3.96
C SER B 176 7.83 7.36 4.69
N ARG B 177 8.39 8.57 4.74
CA ARG B 177 9.64 8.69 5.47
C ARG B 177 9.46 8.39 6.94
N GLU B 178 8.27 8.59 7.49
CA GLU B 178 8.07 8.23 8.90
C GLU B 178 8.25 6.73 9.09
N ALA B 179 7.86 5.95 8.10
CA ALA B 179 7.84 4.50 8.22
C ALA B 179 9.16 3.85 7.88
N ILE B 180 10.09 4.59 7.24
CA ILE B 180 11.24 4.00 6.60
C ILE B 180 12.47 4.81 6.99
N ARG B 181 13.37 4.18 7.74
CA ARG B 181 14.61 4.82 8.15
C ARG B 181 15.57 4.86 6.96
N PRO B 182 16.17 6.01 6.66
CA PRO B 182 17.19 6.03 5.61
C PRO B 182 18.26 4.99 5.91
N GLY B 183 18.66 4.27 4.87
CA GLY B 183 19.59 3.18 5.03
C GLY B 183 19.00 1.88 5.53
N HIS B 184 17.73 1.86 5.97
CA HIS B 184 17.07 0.62 6.37
C HIS B 184 15.86 0.36 5.48
N GLU B 185 15.92 0.83 4.25
CA GLU B 185 14.72 0.86 3.40
C GLU B 185 14.10 -0.54 3.28
N MET B 186 14.88 -1.51 2.84
CA MET B 186 14.32 -2.83 2.65
C MET B 186 13.97 -3.46 3.99
N GLU B 187 14.82 -3.27 4.99
CA GLU B 187 14.53 -3.86 6.29
C GLU B 187 13.21 -3.32 6.82
N ASP B 188 13.06 -2.00 6.82
CA ASP B 188 11.87 -1.42 7.44
C ASP B 188 10.60 -1.66 6.64
N PHE B 189 10.69 -1.86 5.32
CA PHE B 189 9.50 -2.05 4.51
C PHE B 189 9.01 -3.48 4.62
N LEU B 190 9.92 -4.43 4.81
CA LEU B 190 9.52 -5.83 4.87
C LEU B 190 9.21 -6.28 6.29
N ASP B 191 9.71 -5.56 7.29
CA ASP B 191 9.48 -5.83 8.72
C ASP B 191 9.21 -4.48 9.36
N LYS B 192 7.95 -4.22 9.69
CA LYS B 192 7.57 -2.89 10.13
C LYS B 192 7.74 -2.67 11.64
N SER B 193 8.56 -3.48 12.30
CA SER B 193 8.66 -3.40 13.77
C SER B 193 9.12 -2.03 14.24
N TYR B 194 10.07 -1.40 13.54
N TYR B 194 10.10 -1.44 13.55
N TYR B 194 10.10 -1.43 13.56
CA TYR B 194 10.52 -0.10 14.03
CA TYR B 194 10.57 -0.09 13.89
CA TYR B 194 10.55 -0.10 13.96
C TYR B 194 9.42 0.95 13.91
C TYR B 194 9.40 0.88 13.92
C TYR B 194 9.39 0.90 13.92
N TYR B 195 8.64 0.89 12.82
CA TYR B 195 7.50 1.80 12.68
C TYR B 195 6.44 1.52 13.75
N LEU B 196 6.12 0.25 13.98
CA LEU B 196 5.12 -0.09 15.02
C LEU B 196 5.63 0.32 16.39
N ASN B 197 6.81 -0.20 16.78
CA ASN B 197 7.23 -0.11 18.16
C ASN B 197 7.85 1.25 18.51
N THR B 198 8.71 1.78 17.65
CA THR B 198 9.36 3.04 17.97
C THR B 198 8.54 4.25 17.54
N VAL B 199 8.14 4.29 16.26
CA VAL B 199 7.44 5.46 15.77
C VAL B 199 6.05 5.54 16.39
N MET B 200 5.29 4.45 16.31
CA MET B 200 3.87 4.55 16.65
C MET B 200 3.63 4.31 18.14
N LEU B 201 4.10 3.18 18.67
CA LEU B 201 3.84 2.85 20.07
C LEU B 201 4.59 3.79 21.01
N GLN B 202 5.92 3.77 20.96
N GLN B 202 5.92 3.78 20.97
CA GLN B 202 6.69 4.65 21.85
CA GLN B 202 6.68 4.66 21.86
C GLN B 202 6.44 6.13 21.53
C GLN B 202 6.44 6.13 21.53
N GLY B 203 6.47 6.46 20.22
CA GLY B 203 6.39 7.88 19.81
C GLY B 203 5.02 8.55 19.85
N ILE B 204 4.00 7.95 19.27
CA ILE B 204 2.74 8.63 19.02
C ILE B 204 1.67 8.19 20.00
N PHE B 205 1.46 6.87 20.11
CA PHE B 205 0.38 6.35 20.96
C PHE B 205 0.78 6.29 22.42
N LYS B 206 2.08 6.13 22.70
CA LYS B 206 2.65 6.04 24.05
C LYS B 206 2.53 4.63 24.61
N ASN B 207 1.44 3.92 24.33
CA ASN B 207 1.26 2.56 24.83
C ASN B 207 0.29 1.83 23.91
N SER B 208 0.24 0.50 24.08
CA SER B 208 -0.57 -0.30 23.17
C SER B 208 -2.06 -0.14 23.48
N SER B 209 -2.41 0.20 24.71
CA SER B 209 -3.82 0.50 25.00
C SER B 209 -4.38 1.59 24.09
N ASN B 210 -3.70 2.75 23.99
CA ASN B 210 -4.18 3.81 23.12
C ASN B 210 -4.25 3.37 21.64
N TYR B 211 -3.27 2.57 21.20
CA TYR B 211 -3.29 1.99 19.86
C TYR B 211 -4.53 1.12 19.66
N PHE B 212 -4.76 0.19 20.60
CA PHE B 212 -5.92 -0.68 20.46
C PHE B 212 -7.21 0.10 20.53
N GLY B 213 -7.23 1.19 21.30
CA GLY B 213 -8.46 1.95 21.46
C GLY B 213 -8.82 2.64 20.16
N GLU B 214 -7.81 3.17 19.45
CA GLU B 214 -8.07 3.78 18.16
C GLU B 214 -8.45 2.73 17.13
N LEU B 215 -7.80 1.56 17.15
CA LEU B 215 -8.21 0.47 16.28
C LEU B 215 -9.66 0.06 16.51
N GLN B 216 -10.05 -0.10 17.79
CA GLN B 216 -11.42 -0.48 18.09
C GLN B 216 -12.42 0.59 17.64
N PHE B 217 -12.12 1.87 17.90
CA PHE B 217 -13.00 2.96 17.50
C PHE B 217 -13.15 3.04 15.98
N ALA B 218 -12.06 2.83 15.25
CA ALA B 218 -12.15 2.80 13.81
C ALA B 218 -13.05 1.67 13.34
N PHE B 219 -12.90 0.47 13.92
CA PHE B 219 -13.77 -0.63 13.55
C PHE B 219 -15.22 -0.27 13.80
N LEU B 220 -15.49 0.29 14.98
CA LEU B 220 -16.89 0.54 15.31
C LEU B 220 -17.51 1.57 14.36
N ASN B 221 -16.77 2.63 13.99
CA ASN B 221 -17.29 3.61 13.05
CA ASN B 221 -17.28 3.62 13.05
C ASN B 221 -17.51 2.99 11.68
N ALA B 222 -16.62 2.05 11.29
CA ALA B 222 -16.82 1.35 10.04
C ALA B 222 -18.09 0.50 10.07
N MET B 223 -18.30 -0.23 11.16
CA MET B 223 -19.47 -1.11 11.23
C MET B 223 -20.76 -0.31 11.41
N PHE B 224 -20.77 0.69 12.26
CA PHE B 224 -22.06 1.30 12.55
C PHE B 224 -22.44 2.35 11.54
N PHE B 225 -21.46 3.00 10.91
CA PHE B 225 -21.80 4.07 9.99
C PHE B 225 -21.36 3.75 8.57
N GLY B 226 -20.73 2.61 8.33
CA GLY B 226 -20.20 2.38 6.99
C GLY B 226 -19.19 3.42 6.63
N ASN B 227 -18.46 3.92 7.60
CA ASN B 227 -17.50 4.97 7.37
C ASN B 227 -16.29 4.35 6.69
N TYR B 228 -16.08 4.68 5.41
CA TYR B 228 -15.05 4.00 4.64
C TYR B 228 -13.65 4.31 5.14
N GLY B 229 -13.37 5.55 5.52
CA GLY B 229 -12.04 5.89 5.97
C GLY B 229 -11.70 5.25 7.30
N SER B 230 -12.72 5.04 8.12
CA SER B 230 -12.51 4.29 9.35
C SER B 230 -12.12 2.85 9.04
N SER B 231 -12.79 2.23 8.08
CA SER B 231 -12.42 0.88 7.70
C SER B 231 -10.97 0.82 7.23
N LEU B 232 -10.56 1.80 6.42
CA LEU B 232 -9.15 1.87 6.01
C LEU B 232 -8.22 1.92 7.22
N GLN B 233 -8.57 2.72 8.23
CA GLN B 233 -7.74 2.89 9.40
C GLN B 233 -7.66 1.59 10.19
N TRP B 234 -8.81 0.96 10.45
CA TRP B 234 -8.85 -0.34 11.12
C TRP B 234 -7.89 -1.33 10.45
N HIS B 235 -7.98 -1.47 9.11
CA HIS B 235 -7.13 -2.46 8.44
C HIS B 235 -5.67 -2.08 8.47
N ALA B 236 -5.37 -0.78 8.38
CA ALA B 236 -3.98 -0.34 8.42
C ALA B 236 -3.35 -0.67 9.75
N MET B 237 -4.12 -0.47 10.83
CA MET B 237 -3.57 -0.73 12.16
C MET B 237 -3.39 -2.21 12.44
N ILE B 238 -4.23 -3.03 11.84
CA ILE B 238 -4.04 -4.47 11.91
C ILE B 238 -2.79 -4.82 11.12
N GLU B 239 -2.75 -4.36 9.90
CA GLU B 239 -1.65 -4.75 9.05
C GLU B 239 -0.32 -4.31 9.62
N LEU B 240 -0.28 -3.12 10.25
CA LEU B 240 0.99 -2.68 10.83
C LEU B 240 1.51 -3.66 11.88
N ILE B 241 0.61 -4.22 12.70
CA ILE B 241 1.03 -5.20 13.68
C ILE B 241 1.44 -6.51 13.00
N CYS B 242 0.63 -7.02 12.10
CA CYS B 242 0.91 -8.32 11.52
C CYS B 242 2.21 -8.32 10.69
N SER B 243 2.54 -7.18 10.08
CA SER B 243 3.73 -7.03 9.26
C SER B 243 4.97 -6.67 10.06
N SER B 244 4.88 -6.70 11.37
CA SER B 244 6.02 -6.50 12.25
C SER B 244 6.47 -7.85 12.77
N ALA B 245 7.77 -8.14 12.63
CA ALA B 245 8.30 -9.41 13.13
C ALA B 245 8.43 -9.41 14.65
N THR B 246 8.53 -8.24 15.26
CA THR B 246 8.78 -8.13 16.70
C THR B 246 7.63 -7.37 17.33
N VAL B 247 6.78 -8.10 18.02
CA VAL B 247 5.62 -7.50 18.65
C VAL B 247 5.55 -8.06 20.06
N PRO B 248 5.37 -7.24 21.09
CA PRO B 248 5.16 -7.80 22.44
C PRO B 248 4.07 -8.86 22.46
N LYS B 249 4.36 -9.92 23.20
CA LYS B 249 3.53 -11.12 23.17
C LYS B 249 2.15 -10.81 23.72
N HIS B 250 2.07 -9.91 24.69
CA HIS B 250 0.76 -9.52 25.23
C HIS B 250 -0.04 -8.74 24.20
N MET B 251 0.64 -8.00 23.30
CA MET B 251 -0.10 -7.28 22.28
C MET B 251 -0.74 -8.25 21.30
N LEU B 252 -0.01 -9.30 20.93
CA LEU B 252 -0.54 -10.25 19.97
C LEU B 252 -1.72 -10.99 20.55
N ASP B 253 -1.61 -11.41 21.80
CA ASP B 253 -2.71 -12.13 22.41
C ASP B 253 -3.93 -11.23 22.53
N LYS B 254 -3.72 -9.96 22.89
CA LYS B 254 -4.86 -9.05 22.98
C LYS B 254 -5.42 -8.75 21.61
N LEU B 255 -4.54 -8.55 20.60
CA LEU B 255 -5.06 -8.31 19.25
C LEU B 255 -5.96 -9.44 18.81
N ASP B 256 -5.55 -10.68 19.10
CA ASP B 256 -6.33 -11.84 18.66
C ASP B 256 -7.73 -11.82 19.26
N GLU B 257 -7.82 -11.45 20.54
CA GLU B 257 -9.12 -11.30 21.19
C GLU B 257 -9.91 -10.14 20.59
N ILE B 258 -9.26 -9.01 20.38
CA ILE B 258 -9.95 -7.85 19.84
C ILE B 258 -10.61 -8.20 18.51
N LEU B 259 -9.81 -8.74 17.58
CA LEU B 259 -10.30 -9.03 16.24
C LEU B 259 -11.36 -10.11 16.28
N TYR B 260 -11.20 -11.08 17.18
CA TYR B 260 -12.17 -12.16 17.29
C TYR B 260 -13.56 -11.61 17.52
N TYR B 261 -13.67 -10.69 18.48
CA TYR B 261 -14.98 -10.14 18.81
C TYR B 261 -15.50 -9.19 17.72
N GLN B 262 -14.60 -8.52 16.99
CA GLN B 262 -15.04 -7.68 15.88
C GLN B 262 -15.62 -8.54 14.77
N ILE B 263 -14.90 -9.60 14.40
CA ILE B 263 -15.40 -10.50 13.39
C ILE B 263 -16.68 -11.19 13.87
N LYS B 264 -16.73 -11.56 15.14
CA LYS B 264 -17.95 -12.17 15.66
C LYS B 264 -19.16 -11.25 15.51
N THR B 265 -18.97 -9.95 15.74
CA THR B 265 -20.10 -9.01 15.77
C THR B 265 -20.48 -8.52 14.39
N LEU B 266 -19.57 -8.58 13.43
CA LEU B 266 -19.85 -8.03 12.10
C LEU B 266 -21.08 -8.68 11.51
N PRO B 267 -22.02 -7.91 10.96
CA PRO B 267 -23.12 -8.52 10.22
C PRO B 267 -22.60 -9.40 9.10
N GLU B 268 -23.17 -10.60 9.01
CA GLU B 268 -22.69 -11.56 8.02
C GLU B 268 -22.81 -10.99 6.62
N GLN B 269 -23.81 -10.15 6.39
CA GLN B 269 -24.10 -9.63 5.06
C GLN B 269 -23.25 -8.42 4.69
N TYR B 270 -22.52 -7.82 5.64
CA TYR B 270 -21.67 -6.66 5.34
C TYR B 270 -20.21 -7.05 5.19
N SER B 271 -19.88 -8.35 5.29
CA SER B 271 -18.48 -8.74 5.21
C SER B 271 -17.86 -8.34 3.88
N ASP B 272 -18.65 -8.36 2.80
CA ASP B 272 -18.11 -8.07 1.47
C ASP B 272 -17.50 -6.67 1.37
N ILE B 273 -18.06 -5.70 2.10
CA ILE B 273 -17.59 -4.32 2.05
C ILE B 273 -16.71 -3.96 3.26
N LEU B 274 -16.95 -4.55 4.43
CA LEU B 274 -16.18 -4.17 5.61
C LEU B 274 -14.86 -4.92 5.78
N LEU B 275 -14.56 -5.91 4.93
CA LEU B 275 -13.35 -6.71 5.12
C LEU B 275 -12.52 -6.69 3.86
N ASN B 276 -11.26 -6.30 4.00
CA ASN B 276 -10.33 -6.20 2.90
C ASN B 276 -9.65 -7.55 2.71
N GLU B 277 -9.96 -8.22 1.60
CA GLU B 277 -9.41 -9.53 1.30
C GLU B 277 -7.89 -9.55 1.43
N ARG B 278 -7.22 -8.58 0.82
CA ARG B 278 -5.77 -8.59 0.79
C ARG B 278 -5.20 -8.51 2.19
N VAL B 279 -5.70 -7.56 2.98
CA VAL B 279 -5.18 -7.41 4.33
C VAL B 279 -5.36 -8.71 5.10
N TRP B 280 -6.56 -9.29 5.07
CA TRP B 280 -6.83 -10.43 5.94
C TRP B 280 -6.03 -11.65 5.52
N ASN B 281 -5.94 -11.91 4.21
CA ASN B 281 -5.17 -13.06 3.75
C ASN B 281 -3.69 -12.87 4.06
N ILE B 282 -3.18 -11.64 3.93
CA ILE B 282 -1.79 -11.39 4.29
C ILE B 282 -1.59 -11.59 5.80
N CYS B 283 -2.48 -11.03 6.61
CA CYS B 283 -2.29 -11.10 8.06
C CYS B 283 -2.39 -12.53 8.57
N LEU B 284 -3.35 -13.30 8.07
CA LEU B 284 -3.57 -14.65 8.58
C LEU B 284 -2.67 -15.70 7.93
N TYR B 285 -2.18 -15.49 6.71
CA TYR B 285 -1.52 -16.57 5.98
C TYR B 285 -0.10 -16.26 5.49
N SER B 286 0.31 -15.00 5.42
CA SER B 286 1.63 -14.63 4.93
C SER B 286 2.48 -13.88 5.93
N SER B 287 1.87 -13.12 6.84
CA SER B 287 2.61 -12.16 7.64
C SER B 287 3.41 -12.87 8.72
N PHE B 288 4.24 -12.07 9.41
CA PHE B 288 5.03 -12.59 10.50
C PHE B 288 4.14 -13.23 11.55
N GLN B 289 2.96 -12.67 11.74
CA GLN B 289 2.03 -13.07 12.80
C GLN B 289 0.98 -14.05 12.29
N LYS B 290 1.22 -14.68 11.15
CA LYS B 290 0.29 -15.62 10.54
C LYS B 290 -0.14 -16.74 11.48
N ASN B 291 0.66 -17.01 12.50
CA ASN B 291 0.42 -18.12 13.43
C ASN B 291 0.09 -17.62 14.82
N SER B 292 -0.09 -16.32 14.99
CA SER B 292 -0.27 -15.73 16.30
C SER B 292 -1.70 -15.30 16.55
N LEU B 293 -2.60 -15.54 15.62
CA LEU B 293 -3.97 -15.05 15.77
C LEU B 293 -4.94 -16.23 15.71
N HIS B 294 -4.84 -17.14 16.65
CA HIS B 294 -5.56 -18.42 16.50
C HIS B 294 -7.05 -18.24 16.55
N ASN B 295 -7.53 -17.45 17.52
CA ASN B 295 -8.97 -17.27 17.66
C ASN B 295 -9.53 -16.56 16.44
N THR B 296 -8.83 -15.53 15.97
CA THR B 296 -9.31 -14.75 14.84
C THR B 296 -9.30 -15.60 13.57
N GLU B 297 -8.22 -16.37 13.35
CA GLU B 297 -8.15 -17.22 12.17
C GLU B 297 -9.25 -18.28 12.19
N LYS B 298 -9.53 -18.84 13.36
CA LYS B 298 -10.58 -19.86 13.40
C LYS B 298 -11.96 -19.27 13.12
N ILE B 299 -12.29 -18.10 13.69
CA ILE B 299 -13.62 -17.58 13.44
C ILE B 299 -13.72 -17.08 12.00
N MET B 300 -12.64 -16.51 11.46
CA MET B 300 -12.65 -16.07 10.07
C MET B 300 -12.86 -17.24 9.12
N GLU B 301 -12.11 -18.34 9.33
CA GLU B 301 -12.25 -19.51 8.47
C GLU B 301 -13.64 -20.14 8.56
N ASN B 302 -14.32 -20.03 9.72
CA ASN B 302 -15.64 -20.66 9.84
C ASN B 302 -16.77 -19.75 9.45
N LYS B 303 -16.56 -18.43 9.48
CA LYS B 303 -17.63 -17.50 9.19
C LYS B 303 -17.50 -16.84 7.83
N TYR B 304 -16.28 -16.70 7.31
CA TYR B 304 -16.07 -16.03 6.04
C TYR B 304 -15.03 -16.76 5.21
N PRO B 305 -15.18 -18.07 4.97
CA PRO B 305 -14.16 -18.81 4.22
C PRO B 305 -14.05 -18.35 2.78
N GLU B 306 -15.05 -17.60 2.30
CA GLU B 306 -15.04 -17.11 0.94
C GLU B 306 -13.98 -16.04 0.76
N LEU B 307 -13.93 -15.09 1.71
CA LEU B 307 -12.90 -14.07 1.69
C LEU B 307 -11.50 -14.67 1.62
N LEU B 308 -11.32 -15.90 2.07
CA LEU B 308 -9.98 -16.47 2.16
C LEU B 308 -9.82 -17.64 1.19
N1 VVF C . -36.83 23.49 28.07
C7 VVF C . -34.69 22.63 26.87
C8 VVF C . -35.89 23.11 27.53
C9 VVF C . -35.91 15.48 27.56
C1 VVF C . -33.97 16.42 28.89
C5 VVF C . -33.62 18.81 28.86
C6 VVF C . -34.16 21.35 27.50
C4 VVF C . -34.69 18.98 27.97
C3 VVF C . -35.40 17.87 27.55
C2 VVF C . -35.03 16.61 28.03
F2 VVF C . -36.07 14.45 28.40
F VVF C . -37.16 15.92 27.27
F1 VVF C . -35.46 14.87 26.45
C VVF C . -33.27 17.54 29.30
N VVF C . -35.01 20.25 27.45
O VVF C . -33.05 21.32 28.01
#